data_5RHR
#
_entry.id   5RHR
#
_cell.length_a   53.301
_cell.length_b   68.991
_cell.length_c   57.223
_cell.angle_alpha   90.000
_cell.angle_beta   92.090
_cell.angle_gamma   90.000
#
_symmetry.space_group_name_H-M   'P 1 21 1'
#
loop_
_entity.id
_entity.type
_entity.pdbx_description
1 polymer 'NS3 Helicase'
2 non-polymer 1,2-ETHANEDIOL
3 non-polymer 'PHOSPHATE ION'
4 non-polymer (4S)-2-METHYL-2,4-PENTANEDIOL
5 non-polymer 1-(methylamino)cyclopentane-1-carboxamide
6 water water
#
_entity_poly.entity_id   1
_entity_poly.type   'polypeptide(L)'
_entity_poly.pdbx_seq_one_letter_code
;MLKKKQLTVLDLHPGAGKTRRVLPEIVREAIKKRLRTVILAPTRVVAAEMEEALRGLPVRYMTTAVNVTHSGTEIVDLMC
HATFTSRLLQPIRVPNYNLNIMDEAHFTDPSSIAARGYISTRVEMGEAAAIFMTATPPGTRDAFPDSNSPIMDTEVEVPE
RAWSSGFDWVTDHSGKTVWFVPSVRNGNEIAACLTKAGKRVIQLSRKTFETEFQKTKNQEWDFVITTDISEMGANFKADR
VIDSRRCLKPVILDGERVILAGPMPVTHASAAQRRGRIGRNPNKPGDEYMYGGGCAETDEGHAHWLEARMLLDNIYLQDG
LIASLYRPEADKVAAIEGEFKLRTEQRKTFVELMKRGDLPVWLAYQVASAGITYTDRRWCFDGTTNNTIMEDSVPAEVWT
KYGEKRVLKPRWMDARVCSDHAALKSFKEFAAGKR
;
_entity_poly.pdbx_strand_id   A
#
loop_
_chem_comp.id
_chem_comp.type
_chem_comp.name
_chem_comp.formula
EDO non-polymer 1,2-ETHANEDIOL 'C2 H6 O2'
MPD non-polymer (4S)-2-METHYL-2,4-PENTANEDIOL 'C6 H14 O2'
PO4 non-polymer 'PHOSPHATE ION' 'O4 P -3'
UQY non-polymer 1-(methylamino)cyclopentane-1-carboxamide 'C7 H14 N2 O'
#
# COMPACT_ATOMS: atom_id res chain seq x y z
N MET A 1 12.44 -19.38 15.45
CA MET A 1 12.00 -18.05 14.91
C MET A 1 12.17 -16.96 16.00
N LEU A 2 11.85 -17.28 17.26
CA LEU A 2 11.50 -16.24 18.27
C LEU A 2 12.76 -15.69 18.95
N LYS A 3 13.93 -16.33 18.72
CA LYS A 3 15.30 -15.95 19.18
C LYS A 3 15.71 -14.56 18.66
N LYS A 4 16.14 -13.69 19.57
CA LYS A 4 16.83 -12.42 19.25
C LYS A 4 17.77 -12.67 18.05
N LYS A 5 18.00 -11.61 17.27
CA LYS A 5 18.90 -11.54 16.11
C LYS A 5 18.40 -12.45 14.97
N GLN A 6 17.18 -13.02 15.01
CA GLN A 6 16.70 -13.82 13.84
C GLN A 6 15.63 -13.03 13.04
N LEU A 7 15.77 -12.93 11.73
CA LEU A 7 14.67 -12.52 10.79
C LEU A 7 14.28 -13.75 9.99
N THR A 8 13.06 -14.22 10.14
CA THR A 8 12.49 -15.36 9.40
C THR A 8 11.52 -14.84 8.35
N VAL A 9 11.65 -15.30 7.12
CA VAL A 9 10.66 -15.06 6.04
C VAL A 9 9.77 -16.29 5.99
N LEU A 10 8.53 -16.13 6.41
CA LEU A 10 7.51 -17.19 6.36
C LEU A 10 6.82 -17.04 5.00
N ASP A 11 7.23 -17.90 4.05
CA ASP A 11 6.94 -17.74 2.60
C ASP A 11 6.08 -18.90 2.13
N LEU A 12 5.24 -19.43 3.01
CA LEU A 12 4.21 -20.39 2.57
C LEU A 12 3.41 -19.75 1.42
N HIS A 13 2.92 -20.57 0.52
CA HIS A 13 2.11 -20.09 -0.64
C HIS A 13 0.84 -19.35 -0.21
N PRO A 14 0.27 -18.50 -1.11
CA PRO A 14 -0.95 -17.78 -0.81
C PRO A 14 -2.07 -18.75 -0.40
N GLY A 15 -2.78 -18.46 0.68
CA GLY A 15 -3.87 -19.28 1.22
C GLY A 15 -3.38 -20.48 2.03
N ALA A 16 -2.09 -20.60 2.29
CA ALA A 16 -1.51 -21.70 3.08
C ALA A 16 -1.91 -21.63 4.56
N GLY A 17 -2.42 -20.48 5.03
CA GLY A 17 -2.86 -20.29 6.44
C GLY A 17 -1.89 -19.50 7.31
N LYS A 18 -1.05 -18.67 6.69
CA LYS A 18 -0.09 -17.83 7.46
C LYS A 18 -0.86 -16.98 8.47
N THR A 19 -1.93 -16.32 8.04
CA THR A 19 -2.66 -15.36 8.89
C THR A 19 -3.52 -16.10 9.92
N ARG A 20 -4.26 -17.14 9.52
CA ARG A 20 -5.33 -17.71 10.39
C ARG A 20 -4.82 -18.92 11.17
N ARG A 21 -3.74 -19.58 10.76
CA ARG A 21 -3.26 -20.80 11.45
C ARG A 21 -1.91 -20.53 12.11
N VAL A 22 -0.94 -20.03 11.36
CA VAL A 22 0.45 -19.89 11.87
C VAL A 22 0.52 -18.68 12.82
N LEU A 23 -0.08 -17.56 12.46
CA LEU A 23 0.09 -16.35 13.30
C LEU A 23 -0.39 -16.63 14.73
N PRO A 24 -1.56 -17.24 15.02
CA PRO A 24 -1.96 -17.45 16.42
C PRO A 24 -0.97 -18.37 17.17
N GLU A 25 -0.36 -19.34 16.48
CA GLU A 25 0.67 -20.22 17.09
C GLU A 25 1.88 -19.37 17.48
N ILE A 26 2.31 -18.49 16.59
CA ILE A 26 3.45 -17.58 16.91
C ILE A 26 3.10 -16.73 18.12
N VAL A 27 1.91 -16.15 18.14
CA VAL A 27 1.53 -15.20 19.22
C VAL A 27 1.45 -15.94 20.53
N ARG A 28 0.93 -17.16 20.56
CA ARG A 28 0.85 -17.93 21.81
C ARG A 28 2.25 -18.23 22.32
N GLU A 29 3.16 -18.59 21.43
CA GLU A 29 4.57 -18.85 21.85
C GLU A 29 5.19 -17.56 22.37
N ALA A 30 4.96 -16.44 21.70
CA ALA A 30 5.53 -15.13 22.09
C ALA A 30 5.08 -14.76 23.50
N ILE A 31 3.80 -14.94 23.80
CA ILE A 31 3.19 -14.65 25.12
C ILE A 31 3.82 -15.57 26.19
N LYS A 32 3.98 -16.86 25.90
CA LYS A 32 4.63 -17.81 26.82
C LYS A 32 6.04 -17.33 27.15
N LYS A 33 6.75 -16.77 26.17
CA LYS A 33 8.16 -16.34 26.34
C LYS A 33 8.28 -14.91 26.84
N ARG A 34 7.17 -14.23 27.12
CA ARG A 34 7.12 -12.83 27.63
C ARG A 34 7.79 -11.89 26.64
N LEU A 35 7.61 -12.13 25.34
CA LEU A 35 8.17 -11.25 24.27
C LEU A 35 7.17 -10.12 24.00
N ARG A 36 7.58 -8.90 24.27
CA ARG A 36 6.83 -7.70 23.85
C ARG A 36 6.79 -7.74 22.31
N THR A 37 5.60 -7.88 21.76
CA THR A 37 5.41 -8.25 20.34
C THR A 37 4.56 -7.20 19.63
N VAL A 38 4.92 -6.88 18.40
CA VAL A 38 4.03 -6.10 17.53
C VAL A 38 3.65 -6.95 16.32
N ILE A 39 2.38 -6.83 15.91
CA ILE A 39 1.84 -7.50 14.70
C ILE A 39 1.38 -6.36 13.80
N LEU A 40 1.90 -6.33 12.60
CA LEU A 40 1.65 -5.26 11.61
C LEU A 40 0.75 -5.79 10.49
N ALA A 41 -0.43 -5.21 10.41
CA ALA A 41 -1.41 -5.53 9.36
C ALA A 41 -1.28 -4.49 8.26
N PRO A 42 -1.42 -4.87 6.98
CA PRO A 42 -1.30 -3.88 5.92
C PRO A 42 -2.47 -2.89 5.86
N THR A 43 -3.66 -3.35 6.22
CA THR A 43 -4.92 -2.58 6.12
C THR A 43 -5.79 -2.84 7.33
N ARG A 44 -6.77 -1.98 7.55
N ARG A 44 -6.79 -2.01 7.53
CA ARG A 44 -7.77 -2.10 8.63
CA ARG A 44 -7.75 -2.11 8.65
C ARG A 44 -8.58 -3.38 8.39
C ARG A 44 -8.70 -3.30 8.39
N VAL A 45 -8.85 -3.72 7.13
CA VAL A 45 -9.60 -4.96 6.81
C VAL A 45 -8.81 -6.15 7.35
N VAL A 46 -7.50 -6.23 7.10
CA VAL A 46 -6.70 -7.37 7.61
C VAL A 46 -6.65 -7.32 9.14
N ALA A 47 -6.52 -6.14 9.71
CA ALA A 47 -6.52 -5.98 11.19
C ALA A 47 -7.75 -6.65 11.80
N ALA A 48 -8.94 -6.36 11.26
CA ALA A 48 -10.22 -6.97 11.71
C ALA A 48 -10.20 -8.49 11.51
N GLU A 49 -9.71 -8.99 10.38
CA GLU A 49 -9.56 -10.46 10.15
C GLU A 49 -8.61 -11.10 11.16
N MET A 50 -7.54 -10.39 11.50
CA MET A 50 -6.60 -10.89 12.52
C MET A 50 -7.29 -11.00 13.88
N GLU A 51 -8.14 -10.04 14.25
CA GLU A 51 -8.84 -10.07 15.55
C GLU A 51 -9.63 -11.38 15.61
N GLU A 52 -10.29 -11.75 14.53
CA GLU A 52 -11.08 -13.00 14.49
C GLU A 52 -10.16 -14.21 14.72
N ALA A 53 -8.99 -14.24 14.08
CA ALA A 53 -8.04 -15.36 14.18
C ALA A 53 -7.40 -15.41 15.56
N LEU A 54 -7.26 -14.26 16.23
CA LEU A 54 -6.55 -14.15 17.52
C LEU A 54 -7.52 -14.06 18.68
N ARG A 55 -8.84 -14.20 18.44
CA ARG A 55 -9.85 -13.95 19.49
C ARG A 55 -9.57 -14.91 20.65
N GLY A 56 -9.54 -14.40 21.88
CA GLY A 56 -9.17 -15.24 23.05
C GLY A 56 -7.71 -15.10 23.47
N LEU A 57 -6.87 -14.49 22.63
CA LEU A 57 -5.47 -14.17 22.99
C LEU A 57 -5.40 -12.71 23.40
N PRO A 58 -4.58 -12.38 24.40
CA PRO A 58 -4.41 -11.03 24.89
C PRO A 58 -3.60 -10.16 23.92
N VAL A 59 -4.32 -9.52 23.01
CA VAL A 59 -3.76 -8.59 21.98
C VAL A 59 -4.39 -7.21 22.13
N ARG A 60 -3.55 -6.19 22.16
CA ARG A 60 -3.97 -4.78 22.22
C ARG A 60 -4.11 -4.33 20.77
N TYR A 61 -5.32 -3.99 20.38
CA TYR A 61 -5.66 -3.53 19.00
C TYR A 61 -5.55 -2.03 18.93
N MET A 62 -4.45 -1.56 18.34
CA MET A 62 -4.16 -0.13 18.23
C MET A 62 -4.72 0.34 16.90
N THR A 63 -6.04 0.18 16.74
CA THR A 63 -6.77 0.50 15.49
C THR A 63 -8.26 0.67 15.83
N THR A 64 -8.95 1.69 15.29
CA THR A 64 -10.41 1.84 15.52
C THR A 64 -11.17 0.88 14.61
N ALA A 65 -10.49 0.09 13.79
CA ALA A 65 -11.09 -0.96 12.95
C ALA A 65 -11.67 -2.11 13.80
N VAL A 66 -11.23 -2.24 15.05
CA VAL A 66 -11.65 -3.29 16.02
C VAL A 66 -12.29 -2.57 17.22
N ASN A 67 -13.47 -2.96 17.66
CA ASN A 67 -14.13 -2.38 18.87
C ASN A 67 -13.98 -3.42 19.98
N VAL A 68 -12.90 -3.35 20.77
CA VAL A 68 -12.60 -4.29 21.90
C VAL A 68 -12.24 -3.50 23.17
N THR A 69 -12.70 -3.98 24.32
CA THR A 69 -12.27 -3.48 25.65
C THR A 69 -10.97 -4.23 26.02
N HIS A 70 -9.80 -3.57 25.90
CA HIS A 70 -8.48 -4.09 26.37
C HIS A 70 -8.44 -4.29 27.89
N SER A 71 -7.73 -5.33 28.35
CA SER A 71 -7.49 -5.61 29.79
C SER A 71 -6.45 -4.64 30.36
N GLY A 72 -5.55 -4.10 29.52
CA GLY A 72 -4.37 -3.38 29.98
C GLY A 72 -3.20 -4.28 30.36
N THR A 73 -3.32 -5.61 30.27
CA THR A 73 -2.22 -6.55 30.54
C THR A 73 -1.63 -7.17 29.27
N GLU A 74 -2.09 -6.77 28.08
CA GLU A 74 -1.55 -7.32 26.82
C GLU A 74 -0.08 -6.90 26.66
N ILE A 75 0.78 -7.82 26.23
CA ILE A 75 2.16 -7.48 25.80
C ILE A 75 2.31 -7.63 24.28
N VAL A 76 1.21 -7.92 23.60
CA VAL A 76 1.16 -8.04 22.12
C VAL A 76 0.33 -6.88 21.60
N ASP A 77 0.92 -6.08 20.73
CA ASP A 77 0.21 -4.94 20.10
C ASP A 77 -0.05 -5.27 18.63
N LEU A 78 -1.19 -4.85 18.09
CA LEU A 78 -1.51 -5.01 16.67
C LEU A 78 -1.85 -3.62 16.11
N MET A 79 -1.17 -3.24 15.02
CA MET A 79 -1.50 -1.99 14.35
C MET A 79 -1.18 -2.15 12.88
N CYS A 80 -1.56 -1.16 12.12
CA CYS A 80 -1.28 -1.19 10.68
C CYS A 80 0.18 -0.84 10.40
N HIS A 81 0.69 -1.29 9.26
CA HIS A 81 2.08 -0.93 8.87
C HIS A 81 2.27 0.58 8.95
N ALA A 82 1.34 1.34 8.38
CA ALA A 82 1.46 2.82 8.31
C ALA A 82 1.47 3.45 9.70
N THR A 83 0.71 2.89 10.62
CA THR A 83 0.59 3.39 12.01
C THR A 83 1.95 3.21 12.72
N PHE A 84 2.57 2.05 12.52
CA PHE A 84 3.91 1.78 13.10
C PHE A 84 4.90 2.85 12.65
N THR A 85 4.99 3.05 11.34
CA THR A 85 5.97 4.01 10.81
C THR A 85 5.60 5.43 11.28
N SER A 86 4.30 5.74 11.31
CA SER A 86 3.81 7.06 11.75
C SER A 86 4.25 7.33 13.20
N ARG A 87 4.03 6.35 14.07
CA ARG A 87 4.36 6.50 15.51
C ARG A 87 5.88 6.60 15.68
N LEU A 88 6.67 5.89 14.87
CA LEU A 88 8.15 6.04 14.91
C LEU A 88 8.54 7.47 14.58
N LEU A 89 7.93 8.08 13.55
CA LEU A 89 8.27 9.45 13.14
C LEU A 89 7.80 10.50 14.16
N GLN A 90 6.70 10.26 14.84
CA GLN A 90 6.12 11.20 15.83
C GLN A 90 6.95 11.19 17.11
N PRO A 91 6.82 12.26 17.93
CA PRO A 91 7.45 12.36 19.24
C PRO A 91 6.57 11.61 20.24
N ILE A 92 6.45 10.34 20.00
CA ILE A 92 5.77 9.35 20.87
C ILE A 92 6.74 8.17 20.91
N ARG A 93 6.93 7.61 22.10
CA ARG A 93 7.74 6.42 22.43
C ARG A 93 7.03 5.20 21.87
N VAL A 94 7.70 4.54 20.93
CA VAL A 94 7.29 3.20 20.43
C VAL A 94 8.14 2.23 21.23
N PRO A 95 7.52 1.21 21.83
CA PRO A 95 8.27 0.20 22.57
C PRO A 95 9.32 -0.43 21.66
N ASN A 96 10.44 -0.85 22.23
CA ASN A 96 11.48 -1.62 21.49
C ASN A 96 11.04 -3.08 21.47
N TYR A 97 10.11 -3.44 20.56
CA TYR A 97 9.47 -4.76 20.54
C TYR A 97 10.56 -5.83 20.38
N ASN A 98 10.45 -6.88 21.20
CA ASN A 98 11.37 -8.03 21.15
C ASN A 98 11.09 -8.85 19.89
N LEU A 99 9.81 -8.94 19.46
CA LEU A 99 9.39 -9.70 18.29
C LEU A 99 8.50 -8.79 17.43
N ASN A 100 8.85 -8.72 16.16
CA ASN A 100 8.20 -7.83 15.16
C ASN A 100 7.65 -8.76 14.06
N ILE A 101 6.33 -8.85 13.97
CA ILE A 101 5.66 -9.71 12.98
C ILE A 101 5.01 -8.81 11.93
N MET A 102 5.44 -8.92 10.68
CA MET A 102 4.79 -8.15 9.59
C MET A 102 4.00 -9.13 8.73
N ASP A 103 2.67 -8.96 8.72
CA ASP A 103 1.82 -9.71 7.78
C ASP A 103 1.77 -8.94 6.44
N GLU A 104 1.54 -9.69 5.38
CA GLU A 104 1.51 -9.17 3.98
C GLU A 104 2.76 -8.32 3.80
N ALA A 105 3.92 -8.90 4.11
CA ALA A 105 5.21 -8.19 4.20
C ALA A 105 5.78 -7.84 2.83
N HIS A 106 5.07 -8.17 1.75
CA HIS A 106 5.43 -7.73 0.38
C HIS A 106 4.93 -6.30 0.10
N PHE A 107 4.12 -5.71 0.95
CA PHE A 107 3.48 -4.40 0.65
C PHE A 107 4.57 -3.40 0.28
N THR A 108 4.42 -2.72 -0.85
CA THR A 108 5.45 -1.77 -1.32
C THR A 108 5.03 -0.29 -1.13
N ASP A 109 4.08 0.04 -0.27
CA ASP A 109 3.86 1.47 0.07
C ASP A 109 5.07 1.92 0.89
N PRO A 110 5.45 3.21 0.78
CA PRO A 110 6.64 3.71 1.45
C PRO A 110 6.69 3.38 2.94
N SER A 111 5.57 3.52 3.64
CA SER A 111 5.57 3.27 5.11
C SER A 111 5.84 1.79 5.41
N SER A 112 5.47 0.87 4.55
CA SER A 112 5.74 -0.58 4.73
C SER A 112 7.22 -0.86 4.48
N ILE A 113 7.75 -0.32 3.38
CA ILE A 113 9.20 -0.47 3.11
C ILE A 113 9.98 0.09 4.30
N ALA A 114 9.60 1.26 4.79
CA ALA A 114 10.34 1.91 5.89
C ALA A 114 10.23 1.02 7.13
N ALA A 115 9.04 0.49 7.41
CA ALA A 115 8.89 -0.37 8.60
C ALA A 115 9.81 -1.59 8.46
N ARG A 116 9.92 -2.20 7.29
CA ARG A 116 10.81 -3.38 7.12
C ARG A 116 12.26 -2.98 7.34
N GLY A 117 12.64 -1.81 6.88
CA GLY A 117 14.03 -1.32 7.04
C GLY A 117 14.38 -1.10 8.52
N TYR A 118 13.48 -0.48 9.26
CA TYR A 118 13.64 -0.23 10.70
C TYR A 118 13.76 -1.58 11.43
N ILE A 119 12.81 -2.48 11.18
CA ILE A 119 12.74 -3.77 11.89
C ILE A 119 13.99 -4.58 11.55
N SER A 120 14.35 -4.68 10.28
CA SER A 120 15.49 -5.54 9.83
C SER A 120 16.77 -4.94 10.40
N THR A 121 16.86 -3.62 10.59
CA THR A 121 18.06 -2.99 11.16
C THR A 121 18.12 -3.37 12.66
N ARG A 122 17.00 -3.34 13.38
CA ARG A 122 16.98 -3.72 14.82
C ARG A 122 17.42 -5.17 14.97
N VAL A 123 17.00 -6.05 14.07
CA VAL A 123 17.43 -7.46 14.10
C VAL A 123 18.94 -7.53 13.85
N GLU A 124 19.43 -6.80 12.85
CA GLU A 124 20.88 -6.83 12.51
C GLU A 124 21.70 -6.33 13.70
N MET A 125 21.20 -5.38 14.47
CA MET A 125 21.88 -4.82 15.66
C MET A 125 21.93 -5.85 16.79
N GLY A 126 21.14 -6.92 16.73
CA GLY A 126 21.10 -7.97 17.77
C GLY A 126 20.08 -7.68 18.85
N GLU A 127 19.11 -6.80 18.57
CA GLU A 127 18.19 -6.17 19.54
C GLU A 127 16.84 -6.90 19.54
N ALA A 128 16.50 -7.60 18.46
CA ALA A 128 15.11 -8.02 18.22
C ALA A 128 15.06 -9.24 17.29
N ALA A 129 13.90 -9.85 17.24
CA ALA A 129 13.57 -10.90 16.26
C ALA A 129 12.48 -10.33 15.36
N ALA A 130 12.33 -10.89 14.18
CA ALA A 130 11.28 -10.49 13.24
C ALA A 130 10.84 -11.68 12.42
N ILE A 131 9.56 -11.66 12.05
CA ILE A 131 8.97 -12.62 11.11
C ILE A 131 8.26 -11.77 10.06
N PHE A 132 8.67 -11.96 8.81
CA PHE A 132 8.00 -11.32 7.65
C PHE A 132 7.16 -12.39 6.98
N MET A 133 5.83 -12.25 7.01
CA MET A 133 4.92 -13.25 6.45
C MET A 133 4.51 -12.79 5.06
N THR A 134 4.85 -13.56 4.04
CA THR A 134 4.45 -13.29 2.63
C THR A 134 4.87 -14.49 1.76
N ALA A 135 3.95 -14.84 0.87
CA ALA A 135 4.22 -15.81 -0.21
C ALA A 135 5.23 -15.27 -1.20
N THR A 136 5.45 -13.97 -1.26
CA THR A 136 6.19 -13.30 -2.36
C THR A 136 7.18 -12.30 -1.79
N PRO A 137 8.29 -12.78 -1.19
CA PRO A 137 9.29 -11.87 -0.64
C PRO A 137 9.97 -11.03 -1.70
N PRO A 138 10.66 -9.94 -1.34
CA PRO A 138 11.29 -9.07 -2.34
C PRO A 138 12.20 -9.85 -3.30
N GLY A 139 12.03 -9.60 -4.59
CA GLY A 139 12.89 -10.22 -5.63
C GLY A 139 12.38 -11.57 -6.08
N THR A 140 11.26 -12.07 -5.56
CA THR A 140 10.69 -13.33 -6.08
C THR A 140 10.53 -13.21 -7.59
N ARG A 141 10.81 -14.29 -8.31
CA ARG A 141 10.74 -14.31 -9.78
C ARG A 141 9.64 -15.30 -10.22
N ASP A 142 8.81 -15.78 -9.29
CA ASP A 142 7.79 -16.80 -9.59
C ASP A 142 6.39 -16.18 -9.53
N ALA A 143 5.80 -15.91 -10.69
CA ALA A 143 4.43 -15.34 -10.76
C ALA A 143 3.38 -16.43 -10.58
N PHE A 144 3.76 -17.71 -10.55
CA PHE A 144 2.78 -18.82 -10.51
C PHE A 144 3.06 -19.76 -9.34
N PRO A 145 2.99 -19.28 -8.09
CA PRO A 145 3.25 -20.16 -6.94
C PRO A 145 2.17 -21.23 -6.75
N ASP A 146 2.42 -22.12 -5.80
CA ASP A 146 1.39 -23.09 -5.40
C ASP A 146 0.12 -22.40 -4.90
N SER A 147 -0.98 -23.14 -4.92
CA SER A 147 -2.32 -22.71 -4.43
C SER A 147 -3.00 -23.89 -3.72
N ASN A 148 -4.04 -23.59 -3.00
CA ASN A 148 -4.82 -24.65 -2.30
C ASN A 148 -5.49 -25.56 -3.33
N SER A 149 -5.90 -25.03 -4.50
CA SER A 149 -6.48 -25.89 -5.55
C SER A 149 -5.97 -25.45 -6.92
N PRO A 150 -5.98 -26.36 -7.91
CA PRO A 150 -5.46 -26.03 -9.22
C PRO A 150 -6.13 -24.77 -9.78
N ILE A 151 -5.29 -23.97 -10.42
CA ILE A 151 -5.71 -22.75 -11.15
C ILE A 151 -5.54 -23.01 -12.66
N MET A 152 -6.48 -22.48 -13.45
CA MET A 152 -6.38 -22.45 -14.92
C MET A 152 -5.71 -21.11 -15.28
N ASP A 153 -4.47 -21.15 -15.71
CA ASP A 153 -3.70 -19.95 -16.10
C ASP A 153 -3.82 -19.76 -17.61
N THR A 154 -4.29 -18.60 -18.05
CA THR A 154 -4.37 -18.33 -19.49
C THR A 154 -3.83 -16.95 -19.77
N GLU A 155 -2.90 -16.89 -20.72
CA GLU A 155 -2.41 -15.63 -21.29
C GLU A 155 -3.43 -15.20 -22.34
N VAL A 156 -4.02 -14.03 -22.19
CA VAL A 156 -5.11 -13.53 -23.08
C VAL A 156 -5.04 -12.01 -23.15
N GLU A 157 -5.45 -11.39 -24.27
CA GLU A 157 -5.58 -9.94 -24.33
C GLU A 157 -6.73 -9.51 -23.40
N VAL A 158 -6.44 -8.61 -22.50
CA VAL A 158 -7.38 -8.10 -21.47
C VAL A 158 -7.70 -6.67 -21.87
N PRO A 159 -8.99 -6.30 -21.97
CA PRO A 159 -9.32 -4.92 -22.31
C PRO A 159 -8.88 -3.98 -21.19
N GLU A 160 -8.43 -2.78 -21.55
CA GLU A 160 -8.06 -1.68 -20.64
C GLU A 160 -8.89 -0.44 -20.95
N ARG A 161 -9.87 -0.60 -21.83
CA ARG A 161 -10.80 0.47 -22.21
C ARG A 161 -12.16 -0.19 -22.38
N ALA A 162 -13.21 0.61 -22.45
CA ALA A 162 -14.53 0.14 -22.85
C ALA A 162 -14.39 -0.65 -24.15
N TRP A 163 -15.14 -1.70 -24.31
CA TRP A 163 -15.14 -2.51 -25.56
C TRP A 163 -16.57 -2.80 -25.98
N SER A 164 -16.75 -3.07 -27.28
CA SER A 164 -18.05 -3.44 -27.91
C SER A 164 -18.04 -4.90 -28.38
N SER A 165 -16.89 -5.51 -28.60
CA SER A 165 -16.73 -6.79 -29.28
C SER A 165 -15.34 -7.35 -29.04
N GLY A 166 -15.17 -8.64 -29.24
CA GLY A 166 -13.84 -9.26 -29.25
C GLY A 166 -13.40 -9.79 -27.88
N PHE A 167 -14.20 -9.55 -26.83
CA PHE A 167 -13.89 -10.02 -25.45
C PHE A 167 -15.11 -10.68 -24.83
N ASP A 168 -15.79 -11.54 -25.58
CA ASP A 168 -17.04 -12.15 -25.07
C ASP A 168 -16.76 -12.95 -23.79
N TRP A 169 -15.59 -13.59 -23.69
CA TRP A 169 -15.21 -14.42 -22.52
C TRP A 169 -15.33 -13.61 -21.24
N VAL A 170 -15.17 -12.30 -21.31
CA VAL A 170 -15.24 -11.45 -20.08
C VAL A 170 -16.66 -11.51 -19.52
N THR A 171 -17.64 -11.24 -20.36
CA THR A 171 -19.04 -11.07 -19.87
C THR A 171 -19.79 -12.39 -19.93
N ASP A 172 -19.35 -13.38 -20.70
CA ASP A 172 -20.05 -14.69 -20.81
C ASP A 172 -19.98 -15.49 -19.50
N HIS A 173 -19.10 -15.12 -18.61
CA HIS A 173 -18.82 -15.80 -17.34
C HIS A 173 -19.98 -15.62 -16.37
N SER A 174 -20.37 -16.66 -15.62
CA SER A 174 -21.55 -16.56 -14.74
C SER A 174 -21.12 -16.55 -13.26
N GLY A 175 -19.83 -16.44 -12.98
CA GLY A 175 -19.35 -16.42 -11.58
C GLY A 175 -18.96 -15.03 -11.13
N LYS A 176 -17.91 -14.98 -10.32
CA LYS A 176 -17.46 -13.74 -9.67
C LYS A 176 -16.00 -13.51 -10.05
N THR A 177 -15.75 -12.30 -10.56
CA THR A 177 -14.41 -11.93 -11.07
C THR A 177 -13.83 -10.80 -10.25
N VAL A 178 -12.56 -10.98 -9.89
CA VAL A 178 -11.71 -9.89 -9.41
C VAL A 178 -10.82 -9.42 -10.55
N TRP A 179 -10.90 -8.16 -10.90
CA TRP A 179 -10.16 -7.59 -12.05
C TRP A 179 -9.21 -6.52 -11.57
N PHE A 180 -7.92 -6.75 -11.73
CA PHE A 180 -6.86 -5.82 -11.34
C PHE A 180 -6.58 -4.89 -12.52
N VAL A 181 -6.74 -3.61 -12.23
CA VAL A 181 -6.50 -2.48 -13.18
C VAL A 181 -5.32 -1.65 -12.65
N PRO A 182 -4.67 -0.89 -13.55
CA PRO A 182 -3.50 -0.08 -13.16
C PRO A 182 -3.78 1.24 -12.45
N SER A 183 -5.03 1.69 -12.46
CA SER A 183 -5.36 2.98 -11.85
C SER A 183 -6.85 3.05 -11.60
N VAL A 184 -7.21 3.95 -10.70
CA VAL A 184 -8.65 4.26 -10.45
C VAL A 184 -9.35 4.67 -11.74
N ARG A 185 -8.76 5.59 -12.50
CA ARG A 185 -9.44 6.15 -13.70
C ARG A 185 -9.66 5.03 -14.72
N ASN A 186 -8.68 4.13 -14.88
N ASN A 186 -8.67 4.15 -14.85
CA ASN A 186 -8.84 3.00 -15.82
CA ASN A 186 -8.78 2.97 -15.74
C ASN A 186 -9.95 2.06 -15.30
C ASN A 186 -9.95 2.09 -15.28
N GLY A 187 -10.00 1.80 -13.99
CA GLY A 187 -11.07 0.94 -13.43
C GLY A 187 -12.44 1.59 -13.62
N ASN A 188 -12.49 2.92 -13.55
CA ASN A 188 -13.76 3.64 -13.73
C ASN A 188 -14.33 3.33 -15.12
N GLU A 189 -13.51 3.39 -16.15
CA GLU A 189 -13.99 3.16 -17.54
C GLU A 189 -14.42 1.69 -17.68
N ILE A 190 -13.63 0.73 -17.18
CA ILE A 190 -13.99 -0.70 -17.31
C ILE A 190 -15.27 -0.95 -16.52
N ALA A 191 -15.37 -0.37 -15.34
CA ALA A 191 -16.55 -0.57 -14.49
C ALA A 191 -17.80 -0.04 -15.21
N ALA A 192 -17.71 1.11 -15.86
CA ALA A 192 -18.86 1.72 -16.55
C ALA A 192 -19.29 0.79 -17.70
N CYS A 193 -18.32 0.24 -18.39
CA CYS A 193 -18.58 -0.69 -19.52
C CYS A 193 -19.33 -1.93 -19.02
N LEU A 194 -18.85 -2.54 -17.92
CA LEU A 194 -19.48 -3.73 -17.34
C LEU A 194 -20.89 -3.37 -16.84
N THR A 195 -21.06 -2.23 -16.19
CA THR A 195 -22.37 -1.80 -15.64
C THR A 195 -23.37 -1.63 -16.80
N LYS A 196 -22.93 -1.02 -17.88
CA LYS A 196 -23.78 -0.89 -19.10
C LYS A 196 -24.15 -2.28 -19.62
N ALA A 197 -23.28 -3.28 -19.54
CA ALA A 197 -23.55 -4.66 -19.99
C ALA A 197 -24.39 -5.41 -18.96
N GLY A 198 -24.84 -4.77 -17.88
CA GLY A 198 -25.78 -5.41 -16.94
C GLY A 198 -25.09 -6.07 -15.75
N LYS A 199 -23.78 -5.85 -15.58
CA LYS A 199 -23.05 -6.48 -14.45
C LYS A 199 -23.15 -5.59 -13.22
N ARG A 200 -23.03 -6.23 -12.05
CA ARG A 200 -22.91 -5.54 -10.74
C ARG A 200 -21.44 -5.43 -10.36
N VAL A 201 -20.97 -4.20 -10.24
CA VAL A 201 -19.53 -3.91 -10.13
C VAL A 201 -19.28 -3.15 -8.83
N ILE A 202 -18.27 -3.59 -8.10
CA ILE A 202 -17.74 -2.87 -6.91
C ILE A 202 -16.34 -2.43 -7.30
N GLN A 203 -15.98 -1.19 -7.00
CA GLN A 203 -14.63 -0.63 -7.26
C GLN A 203 -13.89 -0.44 -5.93
N LEU A 204 -12.65 -0.91 -5.90
CA LEU A 204 -11.76 -0.78 -4.74
C LEU A 204 -10.50 -0.01 -5.12
N SER A 205 -10.07 0.90 -4.23
CA SER A 205 -8.79 1.62 -4.33
C SER A 205 -8.36 1.95 -2.90
N ARG A 206 -7.16 2.48 -2.74
CA ARG A 206 -6.65 2.74 -1.37
C ARG A 206 -7.60 3.59 -0.55
N LYS A 207 -8.11 4.67 -1.13
CA LYS A 207 -8.87 5.69 -0.35
C LYS A 207 -10.24 5.12 0.00
N THR A 208 -10.76 4.22 -0.80
CA THR A 208 -12.12 3.67 -0.61
C THR A 208 -12.14 2.28 0.01
N PHE A 209 -10.99 1.64 0.19
CA PHE A 209 -10.91 0.18 0.46
C PHE A 209 -11.75 -0.25 1.67
N GLU A 210 -11.61 0.31 2.87
CA GLU A 210 -12.35 -0.31 4.03
C GLU A 210 -13.85 -0.33 3.74
N THR A 211 -14.41 0.84 3.42
CA THR A 211 -15.86 1.02 3.14
C THR A 211 -16.33 0.10 2.01
N GLU A 212 -15.66 0.17 0.86
CA GLU A 212 -16.17 -0.52 -0.33
C GLU A 212 -15.94 -2.02 -0.18
N PHE A 213 -14.87 -2.44 0.47
CA PHE A 213 -14.58 -3.88 0.60
C PHE A 213 -15.77 -4.55 1.29
N GLN A 214 -16.40 -3.90 2.27
CA GLN A 214 -17.54 -4.50 3.00
C GLN A 214 -18.67 -4.87 2.03
N LYS A 215 -18.85 -4.13 0.93
CA LYS A 215 -19.89 -4.42 -0.07
C LYS A 215 -19.67 -5.82 -0.66
N THR A 216 -18.42 -6.28 -0.71
CA THR A 216 -18.13 -7.60 -1.29
C THR A 216 -18.69 -8.71 -0.40
N LYS A 217 -18.94 -8.40 0.88
CA LYS A 217 -19.55 -9.37 1.82
C LYS A 217 -21.06 -9.17 1.90
N ASN A 218 -21.55 -7.94 1.79
CA ASN A 218 -22.94 -7.55 2.16
C ASN A 218 -23.84 -7.57 0.92
N GLN A 219 -23.29 -7.59 -0.30
CA GLN A 219 -24.20 -7.58 -1.47
C GLN A 219 -23.69 -8.56 -2.52
N GLU A 220 -24.59 -8.92 -3.43
CA GLU A 220 -24.24 -9.81 -4.55
C GLU A 220 -23.53 -8.90 -5.57
N TRP A 221 -22.53 -9.46 -6.21
CA TRP A 221 -21.71 -8.71 -7.19
C TRP A 221 -21.23 -9.72 -8.22
N ASP A 222 -20.89 -9.20 -9.39
CA ASP A 222 -20.37 -10.00 -10.52
C ASP A 222 -18.88 -9.69 -10.70
N PHE A 223 -18.48 -8.44 -10.53
CA PHE A 223 -17.08 -8.01 -10.71
C PHE A 223 -16.67 -7.13 -9.55
N VAL A 224 -15.44 -7.30 -9.10
CA VAL A 224 -14.70 -6.32 -8.29
C VAL A 224 -13.62 -5.78 -9.22
N ILE A 225 -13.62 -4.50 -9.42
CA ILE A 225 -12.58 -3.75 -10.15
C ILE A 225 -11.66 -3.13 -9.10
N THR A 226 -10.42 -3.55 -9.05
CA THR A 226 -9.52 -3.11 -7.96
C THR A 226 -8.17 -2.70 -8.53
N THR A 227 -7.57 -1.73 -7.84
CA THR A 227 -6.14 -1.44 -7.99
C THR A 227 -5.31 -2.50 -7.22
N ASP A 228 -4.00 -2.34 -7.24
CA ASP A 228 -3.03 -3.26 -6.60
C ASP A 228 -3.26 -3.36 -5.07
N ILE A 229 -4.07 -2.50 -4.45
CA ILE A 229 -4.23 -2.59 -2.97
C ILE A 229 -4.83 -3.95 -2.59
N SER A 230 -5.57 -4.61 -3.50
CA SER A 230 -6.14 -5.94 -3.17
C SER A 230 -5.09 -7.04 -3.22
N GLU A 231 -3.82 -6.75 -3.53
CA GLU A 231 -2.71 -7.73 -3.36
C GLU A 231 -2.41 -7.96 -1.88
N MET A 232 -2.94 -7.13 -0.98
CA MET A 232 -2.47 -7.14 0.43
C MET A 232 -3.48 -7.86 1.33
N GLY A 233 -3.75 -9.13 1.05
CA GLY A 233 -4.53 -9.98 1.94
C GLY A 233 -6.03 -9.75 1.83
N ALA A 234 -6.54 -9.20 0.73
CA ALA A 234 -7.97 -9.01 0.48
C ALA A 234 -8.51 -10.37 0.05
N ASN A 235 -9.48 -10.93 0.75
CA ASN A 235 -10.03 -12.23 0.34
C ASN A 235 -11.45 -12.03 -0.20
N PHE A 236 -11.72 -12.71 -1.30
CA PHE A 236 -12.97 -12.65 -2.08
C PHE A 236 -13.46 -14.10 -2.24
N LYS A 237 -14.74 -14.27 -2.33
CA LYS A 237 -15.27 -15.61 -2.67
C LYS A 237 -15.42 -15.57 -4.18
N ALA A 238 -14.33 -15.68 -4.90
CA ALA A 238 -14.39 -15.49 -6.37
C ALA A 238 -13.95 -16.75 -7.10
N ASP A 239 -14.26 -16.83 -8.38
CA ASP A 239 -13.72 -17.98 -9.14
C ASP A 239 -12.88 -17.53 -10.33
N ARG A 240 -12.67 -16.23 -10.53
CA ARG A 240 -11.80 -15.79 -11.62
C ARG A 240 -11.08 -14.51 -11.22
N VAL A 241 -9.82 -14.43 -11.61
CA VAL A 241 -9.06 -13.18 -11.66
C VAL A 241 -8.79 -12.83 -13.10
N ILE A 242 -9.07 -11.56 -13.43
CA ILE A 242 -8.66 -10.95 -14.70
C ILE A 242 -7.55 -10.01 -14.30
N ASP A 243 -6.38 -10.19 -14.85
CA ASP A 243 -5.23 -9.36 -14.45
C ASP A 243 -4.68 -8.65 -15.67
N SER A 244 -4.86 -7.34 -15.74
CA SER A 244 -4.20 -6.48 -16.74
C SER A 244 -2.68 -6.72 -16.75
N ARG A 245 -2.13 -7.16 -15.61
CA ARG A 245 -0.69 -7.26 -15.36
C ARG A 245 -0.02 -5.89 -15.49
N ARG A 246 -0.77 -4.80 -15.23
CA ARG A 246 -0.23 -3.44 -15.36
C ARG A 246 -0.45 -2.67 -14.06
N CYS A 247 0.43 -1.72 -13.89
CA CYS A 247 0.43 -0.81 -12.72
C CYS A 247 1.01 0.52 -13.15
N LEU A 248 0.84 1.52 -12.29
CA LEU A 248 1.51 2.83 -12.48
C LEU A 248 2.76 2.83 -11.61
N LYS A 249 3.77 3.49 -12.11
CA LYS A 249 5.08 3.59 -11.43
C LYS A 249 5.33 5.05 -11.15
N PRO A 250 5.33 5.50 -9.88
CA PRO A 250 5.77 6.87 -9.60
C PRO A 250 7.27 6.97 -9.84
N VAL A 251 7.67 8.00 -10.57
CA VAL A 251 9.08 8.22 -11.00
C VAL A 251 9.43 9.67 -10.71
N ILE A 252 10.51 9.86 -9.96
CA ILE A 252 11.07 11.19 -9.71
C ILE A 252 11.93 11.56 -10.94
N LEU A 253 11.59 12.65 -11.65
CA LEU A 253 12.36 13.12 -12.84
C LEU A 253 13.26 14.27 -12.43
N ASP A 254 14.56 14.15 -12.65
CA ASP A 254 15.52 15.29 -12.50
C ASP A 254 15.43 15.87 -11.08
N GLY A 255 15.10 15.03 -10.09
CA GLY A 255 14.99 15.44 -8.68
C GLY A 255 13.93 16.50 -8.42
N GLU A 256 13.03 16.79 -9.36
CA GLU A 256 12.22 18.05 -9.26
C GLU A 256 10.72 17.85 -9.47
N ARG A 257 10.25 16.67 -9.91
CA ARG A 257 8.81 16.44 -10.17
C ARG A 257 8.60 14.94 -10.05
N VAL A 258 7.37 14.52 -9.78
CA VAL A 258 7.03 13.07 -9.79
C VAL A 258 5.96 12.87 -10.85
N ILE A 259 6.19 11.91 -11.73
CA ILE A 259 5.17 11.52 -12.74
C ILE A 259 4.67 10.13 -12.38
N LEU A 260 3.50 9.80 -12.89
CA LEU A 260 2.99 8.42 -12.77
C LEU A 260 3.21 7.81 -14.15
N ALA A 261 4.31 7.08 -14.31
CA ALA A 261 4.71 6.44 -15.56
C ALA A 261 3.88 5.18 -15.78
N GLY A 262 3.72 4.86 -17.05
CA GLY A 262 3.08 3.63 -17.48
C GLY A 262 1.70 3.93 -18.04
N PRO A 263 0.74 3.00 -17.93
CA PRO A 263 0.91 1.76 -17.20
C PRO A 263 2.03 0.88 -17.74
N MET A 264 2.61 0.11 -16.84
CA MET A 264 3.70 -0.81 -17.23
C MET A 264 3.58 -2.11 -16.43
N PRO A 265 4.38 -3.13 -16.78
CA PRO A 265 4.23 -4.44 -16.21
C PRO A 265 4.36 -4.41 -14.68
N VAL A 266 3.61 -5.31 -14.06
CA VAL A 266 3.75 -5.57 -12.62
C VAL A 266 5.01 -6.38 -12.35
N THR A 267 5.41 -6.39 -11.09
CA THR A 267 6.42 -7.35 -10.64
C THR A 267 5.87 -8.78 -10.61
N HIS A 268 6.77 -9.75 -10.54
CA HIS A 268 6.36 -11.16 -10.34
C HIS A 268 5.58 -11.27 -9.02
N ALA A 269 6.04 -10.59 -7.97
CA ALA A 269 5.38 -10.65 -6.66
C ALA A 269 3.94 -10.18 -6.79
N SER A 270 3.72 -9.05 -7.45
CA SER A 270 2.36 -8.50 -7.66
C SER A 270 1.54 -9.49 -8.44
N ALA A 271 2.06 -10.00 -9.57
CA ALA A 271 1.30 -10.96 -10.41
C ALA A 271 0.91 -12.16 -9.56
N ALA A 272 1.83 -12.69 -8.75
CA ALA A 272 1.55 -13.87 -7.91
C ALA A 272 0.45 -13.55 -6.89
N GLN A 273 0.48 -12.37 -6.30
CA GLN A 273 -0.54 -11.98 -5.30
C GLN A 273 -1.90 -11.77 -5.94
N ARG A 274 -1.92 -11.20 -7.15
CA ARG A 274 -3.17 -10.97 -7.91
C ARG A 274 -3.80 -12.32 -8.22
N ARG A 275 -3.01 -13.18 -8.83
CA ARG A 275 -3.44 -14.57 -9.11
C ARG A 275 -3.88 -15.23 -7.81
N GLY A 276 -3.17 -14.97 -6.74
CA GLY A 276 -3.36 -15.67 -5.46
C GLY A 276 -4.67 -15.30 -4.81
N ARG A 277 -5.48 -14.40 -5.37
CA ARG A 277 -6.83 -14.12 -4.87
C ARG A 277 -7.71 -15.35 -5.08
N ILE A 278 -7.38 -16.19 -6.07
CA ILE A 278 -8.23 -17.37 -6.40
C ILE A 278 -7.41 -18.64 -6.25
N GLY A 279 -8.04 -19.81 -6.42
CA GLY A 279 -7.40 -21.09 -6.12
C GLY A 279 -7.30 -21.37 -4.62
N ARG A 280 -8.01 -20.63 -3.78
CA ARG A 280 -7.85 -20.63 -2.31
C ARG A 280 -8.73 -21.68 -1.66
N ASN A 281 -9.73 -22.19 -2.36
CA ASN A 281 -10.72 -23.13 -1.76
C ASN A 281 -10.30 -24.52 -2.19
N PRO A 282 -9.80 -25.40 -1.28
CA PRO A 282 -9.27 -26.69 -1.69
C PRO A 282 -10.38 -27.57 -2.31
N ASN A 283 -11.64 -27.20 -2.10
CA ASN A 283 -12.81 -27.94 -2.64
C ASN A 283 -13.32 -27.33 -3.97
N LYS A 284 -12.65 -26.32 -4.51
CA LYS A 284 -13.10 -25.65 -5.75
C LYS A 284 -11.92 -25.54 -6.70
N PRO A 285 -11.60 -26.60 -7.45
CA PRO A 285 -10.55 -26.57 -8.45
C PRO A 285 -11.05 -25.81 -9.68
N GLY A 286 -10.08 -25.27 -10.40
CA GLY A 286 -10.34 -24.71 -11.73
C GLY A 286 -10.76 -23.27 -11.71
N ASP A 287 -10.46 -22.57 -10.63
CA ASP A 287 -10.59 -21.10 -10.70
C ASP A 287 -9.65 -20.64 -11.82
N GLU A 288 -10.01 -19.53 -12.46
CA GLU A 288 -9.32 -19.07 -13.66
C GLU A 288 -8.48 -17.83 -13.36
N TYR A 289 -7.30 -17.76 -13.94
CA TYR A 289 -6.44 -16.58 -13.91
C TYR A 289 -6.14 -16.21 -15.35
N MET A 290 -6.73 -15.10 -15.78
CA MET A 290 -6.56 -14.58 -17.15
C MET A 290 -5.60 -13.43 -17.06
N TYR A 291 -4.46 -13.48 -17.74
CA TYR A 291 -3.46 -12.42 -17.57
C TYR A 291 -3.08 -11.84 -18.91
N GLY A 292 -2.94 -10.52 -18.95
CA GLY A 292 -2.86 -9.72 -20.19
C GLY A 292 -1.52 -9.12 -20.49
N GLY A 293 -0.47 -9.61 -19.88
CA GLY A 293 0.88 -9.11 -20.16
C GLY A 293 1.92 -9.82 -19.32
N GLY A 294 3.18 -9.53 -19.55
CA GLY A 294 4.27 -10.13 -18.75
C GLY A 294 4.62 -9.34 -17.50
N CYS A 295 5.58 -9.86 -16.73
CA CYS A 295 6.08 -9.19 -15.52
C CYS A 295 7.40 -8.56 -15.84
N ALA A 296 7.79 -7.59 -15.02
CA ALA A 296 9.11 -6.92 -15.15
C ALA A 296 9.48 -6.38 -13.78
N GLU A 297 10.73 -6.00 -13.53
N GLU A 297 10.73 -5.90 -13.67
CA GLU A 297 11.07 -5.54 -12.16
CA GLU A 297 11.32 -5.36 -12.42
C GLU A 297 10.90 -4.01 -12.16
C GLU A 297 10.93 -3.89 -12.29
N THR A 298 9.63 -3.61 -12.18
CA THR A 298 9.17 -2.19 -12.24
C THR A 298 9.32 -1.54 -10.87
N ASP A 299 9.77 -2.27 -9.85
CA ASP A 299 10.10 -1.69 -8.53
C ASP A 299 11.48 -1.02 -8.61
N GLU A 300 12.30 -1.30 -9.60
CA GLU A 300 13.59 -0.60 -9.80
C GLU A 300 13.33 0.82 -10.25
N GLY A 301 13.89 1.78 -9.52
CA GLY A 301 13.75 3.22 -9.84
C GLY A 301 12.39 3.73 -9.47
N HIS A 302 11.59 2.95 -8.73
CA HIS A 302 10.24 3.35 -8.31
C HIS A 302 10.35 4.30 -7.10
N ALA A 303 9.59 5.38 -7.11
CA ALA A 303 9.75 6.42 -6.09
C ALA A 303 9.53 5.85 -4.68
N HIS A 304 8.72 4.82 -4.50
CA HIS A 304 8.42 4.38 -3.11
C HIS A 304 9.67 4.03 -2.31
N TRP A 305 10.72 3.55 -2.97
CA TRP A 305 11.94 3.11 -2.25
C TRP A 305 12.75 4.35 -1.88
N LEU A 306 12.66 5.42 -2.66
CA LEU A 306 13.35 6.66 -2.28
C LEU A 306 12.52 7.32 -1.18
N GLU A 307 11.18 7.32 -1.30
CA GLU A 307 10.31 7.83 -0.21
C GLU A 307 10.56 7.07 1.10
N ALA A 308 10.76 5.75 1.03
CA ALA A 308 11.02 4.98 2.26
C ALA A 308 12.31 5.47 2.94
N ARG A 309 13.30 5.83 2.13
CA ARG A 309 14.56 6.37 2.65
C ARG A 309 14.30 7.73 3.29
N MET A 310 13.43 8.56 2.70
CA MET A 310 13.10 9.83 3.32
C MET A 310 12.48 9.60 4.71
N LEU A 311 11.63 8.59 4.85
CA LEU A 311 11.00 8.29 6.16
C LEU A 311 12.07 7.80 7.15
N LEU A 312 12.87 6.82 6.72
CA LEU A 312 13.84 6.17 7.63
C LEU A 312 14.94 7.15 8.04
N ASP A 313 15.28 8.10 7.18
CA ASP A 313 16.30 9.11 7.53
C ASP A 313 15.78 9.93 8.70
N ASN A 314 14.46 9.98 8.91
CA ASN A 314 13.83 10.86 9.92
C ASN A 314 13.31 10.06 11.10
N ILE A 315 13.73 8.81 11.27
CA ILE A 315 13.36 7.98 12.42
C ILE A 315 14.60 7.80 13.29
N TYR A 316 14.47 8.14 14.56
CA TYR A 316 15.56 7.89 15.53
C TYR A 316 15.77 6.39 15.74
N LEU A 317 17.02 5.97 15.68
CA LEU A 317 17.45 4.55 15.88
C LEU A 317 18.36 4.51 17.10
N GLN A 318 19.48 5.21 17.00
CA GLN A 318 20.54 5.27 18.06
C GLN A 318 21.56 6.33 17.62
N ASP A 319 21.69 7.41 18.40
CA ASP A 319 22.56 8.58 18.08
C ASP A 319 22.24 9.06 16.66
N GLY A 320 23.26 9.15 15.80
CA GLY A 320 23.08 9.58 14.41
C GLY A 320 22.94 8.41 13.45
N LEU A 321 22.84 7.18 13.95
CA LEU A 321 22.73 5.98 13.09
C LEU A 321 21.38 5.98 12.36
N ILE A 322 21.39 5.49 11.14
CA ILE A 322 20.19 5.52 10.29
C ILE A 322 19.90 4.09 9.84
N ALA A 323 18.64 3.70 9.98
CA ALA A 323 18.21 2.34 9.59
C ALA A 323 18.35 2.20 8.09
N SER A 324 18.83 1.04 7.66
CA SER A 324 18.98 0.66 6.25
C SER A 324 17.67 0.07 5.78
N LEU A 325 17.40 0.13 4.49
CA LEU A 325 16.33 -0.69 3.90
C LEU A 325 16.68 -2.16 4.10
N TYR A 326 15.64 -2.98 4.23
CA TYR A 326 15.78 -4.44 4.28
C TYR A 326 16.64 -4.84 3.06
N ARG A 327 17.66 -5.66 3.31
CA ARG A 327 18.73 -5.89 2.32
C ARG A 327 18.17 -6.27 0.94
N PRO A 328 17.26 -7.22 0.77
CA PRO A 328 16.79 -7.57 -0.58
C PRO A 328 16.09 -6.47 -1.37
N GLU A 329 15.70 -5.37 -0.72
CA GLU A 329 15.05 -4.28 -1.47
C GLU A 329 15.88 -3.01 -1.34
N ALA A 330 17.15 -3.11 -0.95
CA ALA A 330 17.94 -1.93 -0.55
C ALA A 330 18.64 -1.23 -1.73
N ASP A 331 18.73 -1.88 -2.87
CA ASP A 331 19.56 -1.30 -3.95
C ASP A 331 18.67 -1.25 -5.19
N LYS A 332 17.42 -0.76 -5.01
CA LYS A 332 16.38 -0.62 -6.07
C LYS A 332 16.39 0.78 -6.68
N VAL A 333 16.89 1.79 -5.95
CA VAL A 333 16.99 3.18 -6.47
C VAL A 333 18.10 3.88 -5.69
N ALA A 334 18.84 4.77 -6.35
CA ALA A 334 20.02 5.44 -5.77
C ALA A 334 19.56 6.23 -4.54
N ALA A 335 20.15 5.99 -3.38
CA ALA A 335 19.92 6.85 -2.22
C ALA A 335 21.15 6.77 -1.33
N ILE A 336 21.41 7.84 -0.63
CA ILE A 336 22.52 7.92 0.36
C ILE A 336 21.85 7.93 1.73
N GLU A 337 22.11 6.91 2.53
CA GLU A 337 21.56 6.87 3.92
C GLU A 337 21.91 8.19 4.63
N GLY A 338 20.90 8.88 5.15
CA GLY A 338 21.08 10.13 5.88
C GLY A 338 20.88 11.37 5.02
N GLU A 339 20.77 11.26 3.69
CA GLU A 339 20.73 12.47 2.84
C GLU A 339 19.48 13.29 3.13
N PHE A 340 18.39 12.66 3.58
CA PHE A 340 17.08 13.30 3.80
C PHE A 340 16.84 13.61 5.28
N LYS A 341 17.84 13.46 6.15
CA LYS A 341 17.66 13.74 7.58
C LYS A 341 17.40 15.23 7.77
N LEU A 342 16.27 15.57 8.39
CA LEU A 342 15.87 16.99 8.64
C LEU A 342 16.16 17.37 10.09
N ARG A 343 16.52 18.64 10.23
CA ARG A 343 16.59 19.33 11.55
C ARG A 343 15.18 19.33 12.16
N THR A 344 15.10 19.48 13.49
CA THR A 344 13.93 19.16 14.32
C THR A 344 12.64 19.82 13.75
N GLU A 345 12.64 21.12 13.51
CA GLU A 345 11.41 21.85 13.10
C GLU A 345 11.01 21.44 11.67
N GLN A 346 11.96 21.33 10.75
CA GLN A 346 11.67 20.84 9.38
C GLN A 346 11.11 19.42 9.48
N ARG A 347 11.64 18.55 10.35
CA ARG A 347 11.13 17.19 10.47
C ARG A 347 9.68 17.22 10.92
N LYS A 348 9.37 18.07 11.90
CA LYS A 348 7.97 18.18 12.38
C LYS A 348 7.06 18.60 11.21
N THR A 349 7.51 19.52 10.39
CA THR A 349 6.74 20.03 9.22
C THR A 349 6.50 18.87 8.25
N PHE A 350 7.59 18.16 7.97
CA PHE A 350 7.52 16.96 7.09
C PHE A 350 6.45 15.99 7.57
N VAL A 351 6.51 15.64 8.85
CA VAL A 351 5.52 14.72 9.45
C VAL A 351 4.12 15.27 9.30
N GLU A 352 3.91 16.54 9.62
CA GLU A 352 2.52 17.06 9.59
C GLU A 352 2.02 17.12 8.14
N LEU A 353 2.88 17.45 7.16
CA LEU A 353 2.44 17.50 5.74
C LEU A 353 1.96 16.12 5.30
N MET A 354 2.53 15.06 5.87
CA MET A 354 2.04 13.70 5.55
C MET A 354 0.82 13.37 6.39
N LYS A 355 0.91 13.53 7.71
CA LYS A 355 -0.15 13.08 8.63
C LYS A 355 -1.45 13.87 8.43
N ARG A 356 -1.37 15.17 8.53
CA ARG A 356 -2.56 16.04 8.41
C ARG A 356 -2.73 16.46 6.95
N GLY A 357 -1.64 16.80 6.29
CA GLY A 357 -1.71 17.28 4.90
C GLY A 357 -2.12 16.21 3.90
N ASP A 358 -1.86 14.95 4.22
CA ASP A 358 -2.11 13.79 3.33
C ASP A 358 -1.35 13.94 2.04
N LEU A 359 -0.19 14.60 2.06
CA LEU A 359 0.63 14.75 0.84
C LEU A 359 1.50 13.52 0.67
N PRO A 360 1.86 13.18 -0.58
CA PRO A 360 2.85 12.13 -0.81
C PRO A 360 4.16 12.47 -0.07
N VAL A 361 4.87 11.44 0.34
CA VAL A 361 6.16 11.60 1.05
C VAL A 361 7.08 12.54 0.31
N TRP A 362 7.30 12.28 -0.97
CA TRP A 362 8.26 13.09 -1.75
C TRP A 362 7.87 14.57 -1.70
N LEU A 363 6.60 14.86 -1.92
CA LEU A 363 6.16 16.27 -1.97
C LEU A 363 6.24 16.90 -0.58
N ALA A 364 5.85 16.19 0.50
CA ALA A 364 6.03 16.65 1.88
C ALA A 364 7.48 17.02 2.13
N TYR A 365 8.39 16.20 1.64
CA TYR A 365 9.83 16.43 1.85
C TYR A 365 10.26 17.71 1.15
N GLN A 366 9.85 17.90 -0.11
CA GLN A 366 10.28 19.11 -0.85
C GLN A 366 9.84 20.36 -0.07
N VAL A 367 8.60 20.39 0.39
CA VAL A 367 8.04 21.56 1.11
C VAL A 367 8.81 21.76 2.41
N ALA A 368 8.90 20.73 3.25
CA ALA A 368 9.56 20.84 4.57
C ALA A 368 11.02 21.25 4.37
N SER A 369 11.73 20.63 3.41
CA SER A 369 13.19 20.88 3.27
C SER A 369 13.44 22.27 2.72
N ALA A 370 12.44 22.90 2.13
CA ALA A 370 12.53 24.29 1.63
C ALA A 370 12.36 25.29 2.78
N GLY A 371 12.07 24.85 3.99
CA GLY A 371 11.89 25.75 5.15
C GLY A 371 10.53 26.42 5.15
N ILE A 372 9.56 25.83 4.46
CA ILE A 372 8.14 26.26 4.45
C ILE A 372 7.42 25.64 5.64
N THR A 373 6.60 26.42 6.34
CA THR A 373 5.83 25.88 7.49
C THR A 373 4.53 25.24 7.01
N TYR A 374 3.93 24.42 7.85
CA TYR A 374 2.83 23.52 7.44
C TYR A 374 1.68 24.32 6.83
N THR A 375 1.33 25.46 7.42
CA THR A 375 0.12 26.24 7.01
C THR A 375 0.43 27.22 5.89
N ASP A 376 1.67 27.30 5.41
CA ASP A 376 2.03 28.30 4.38
C ASP A 376 1.79 27.64 3.04
N ARG A 377 0.76 28.02 2.32
CA ARG A 377 0.34 27.34 1.08
C ARG A 377 0.72 28.16 -0.15
N ARG A 378 1.57 29.19 0.01
CA ARG A 378 1.95 30.03 -1.16
C ARG A 378 2.59 29.17 -2.24
N TRP A 379 3.29 28.12 -1.86
CA TRP A 379 3.93 27.22 -2.88
C TRP A 379 2.91 26.53 -3.78
N CYS A 380 1.65 26.46 -3.40
CA CYS A 380 0.64 25.75 -4.22
C CYS A 380 0.32 26.54 -5.47
N PHE A 381 0.74 27.80 -5.54
CA PHE A 381 0.32 28.76 -6.59
C PHE A 381 1.50 29.35 -7.36
N ASP A 382 2.75 29.16 -6.96
CA ASP A 382 3.87 29.98 -7.52
C ASP A 382 4.80 29.12 -8.37
N GLY A 383 4.32 27.97 -8.86
CA GLY A 383 5.07 27.15 -9.81
C GLY A 383 5.06 27.70 -11.24
N THR A 384 5.84 27.09 -12.12
CA THR A 384 5.87 27.42 -13.58
C THR A 384 4.52 27.11 -14.22
N THR A 385 4.22 27.66 -15.38
CA THR A 385 2.96 27.33 -16.10
C THR A 385 2.87 25.82 -16.38
N ASN A 386 3.99 25.15 -16.60
CA ASN A 386 3.95 23.73 -16.98
C ASN A 386 3.59 22.88 -15.75
N ASN A 387 3.54 23.48 -14.54
CA ASN A 387 3.04 22.77 -13.32
C ASN A 387 1.57 23.07 -13.06
N THR A 388 0.87 23.76 -13.98
CA THR A 388 -0.57 24.00 -13.87
C THR A 388 -1.31 22.66 -13.78
N ILE A 389 -2.11 22.50 -12.74
CA ILE A 389 -2.94 21.29 -12.60
C ILE A 389 -4.24 21.55 -13.36
N MET A 390 -4.66 20.55 -14.13
CA MET A 390 -5.81 20.69 -15.02
C MET A 390 -6.96 19.94 -14.37
N GLU A 391 -8.19 20.46 -14.56
N GLU A 391 -8.17 20.47 -14.58
CA GLU A 391 -9.45 19.78 -14.18
CA GLU A 391 -9.45 19.86 -14.18
C GLU A 391 -10.42 19.86 -15.36
C GLU A 391 -10.36 19.90 -15.43
N ASP A 392 -10.63 18.74 -16.04
CA ASP A 392 -11.46 18.65 -17.29
C ASP A 392 -10.94 19.63 -18.34
N SER A 393 -9.63 19.58 -18.58
CA SER A 393 -8.94 20.25 -19.71
C SER A 393 -8.89 21.77 -19.53
N VAL A 394 -9.19 22.30 -18.33
CA VAL A 394 -9.06 23.75 -17.99
C VAL A 394 -8.19 23.85 -16.74
N PRO A 395 -7.43 24.94 -16.50
CA PRO A 395 -6.65 25.05 -15.27
C PRO A 395 -7.56 24.94 -14.04
N ALA A 396 -7.19 24.11 -13.06
CA ALA A 396 -7.95 23.96 -11.79
C ALA A 396 -7.76 25.25 -11.01
N GLU A 397 -8.82 25.69 -10.35
CA GLU A 397 -8.85 26.96 -9.61
C GLU A 397 -9.33 26.71 -8.19
N VAL A 398 -8.77 27.43 -7.22
CA VAL A 398 -9.32 27.39 -5.85
C VAL A 398 -9.38 28.83 -5.32
N TRP A 399 -10.14 29.00 -4.26
CA TRP A 399 -10.01 30.23 -3.47
C TRP A 399 -8.93 30.01 -2.44
N THR A 400 -7.95 30.89 -2.41
CA THR A 400 -6.90 30.82 -1.40
C THR A 400 -7.50 31.16 -0.03
N LYS A 401 -6.75 30.91 1.02
CA LYS A 401 -7.16 31.25 2.38
C LYS A 401 -7.35 32.76 2.50
N TYR A 402 -6.82 33.54 1.57
CA TYR A 402 -6.96 35.02 1.53
C TYR A 402 -8.25 35.45 0.83
N GLY A 403 -8.94 34.52 0.21
CA GLY A 403 -10.17 34.82 -0.53
C GLY A 403 -9.89 35.14 -1.99
N GLU A 404 -8.71 34.85 -2.51
CA GLU A 404 -8.30 35.17 -3.91
C GLU A 404 -8.52 33.91 -4.76
N LYS A 405 -9.19 34.02 -5.90
CA LYS A 405 -9.29 32.87 -6.83
C LYS A 405 -7.97 32.76 -7.57
N ARG A 406 -7.32 31.62 -7.50
CA ARG A 406 -6.03 31.41 -8.15
C ARG A 406 -5.98 30.05 -8.82
N VAL A 407 -5.17 30.00 -9.87
CA VAL A 407 -4.89 28.74 -10.58
C VAL A 407 -3.95 27.92 -9.71
N LEU A 408 -4.23 26.66 -9.65
CA LEU A 408 -3.43 25.69 -8.87
C LEU A 408 -2.19 25.33 -9.71
N LYS A 409 -1.02 25.71 -9.24
CA LYS A 409 0.23 25.68 -9.98
C LYS A 409 1.35 25.46 -8.99
N PRO A 410 1.48 24.23 -8.45
CA PRO A 410 2.39 24.01 -7.34
C PRO A 410 3.85 24.13 -7.75
N ARG A 411 4.65 24.64 -6.84
CA ARG A 411 6.10 24.83 -7.06
C ARG A 411 6.75 23.49 -7.40
N TRP A 412 6.29 22.41 -6.76
CA TRP A 412 6.73 21.01 -7.00
C TRP A 412 5.49 20.27 -7.46
N MET A 413 5.59 19.61 -8.60
CA MET A 413 4.47 18.88 -9.19
C MET A 413 4.68 17.38 -8.89
N ASP A 414 3.75 16.82 -8.12
CA ASP A 414 3.68 15.36 -7.86
C ASP A 414 2.35 14.87 -8.39
N ALA A 415 2.40 14.08 -9.45
CA ALA A 415 1.22 13.57 -10.18
C ALA A 415 0.23 12.88 -9.24
N ARG A 416 0.67 12.36 -8.12
CA ARG A 416 -0.24 11.68 -7.18
C ARG A 416 -1.26 12.65 -6.58
N VAL A 417 -1.00 13.94 -6.56
CA VAL A 417 -2.00 14.86 -5.94
C VAL A 417 -3.20 15.04 -6.88
N CYS A 418 -3.18 14.53 -8.10
CA CYS A 418 -4.29 14.72 -9.05
C CYS A 418 -4.46 13.50 -9.96
N SER A 419 -4.17 12.32 -9.39
CA SER A 419 -4.23 10.99 -10.08
C SER A 419 -5.69 10.65 -10.43
N ASP A 420 -6.64 11.19 -9.66
CA ASP A 420 -8.08 10.95 -9.86
C ASP A 420 -8.85 12.11 -9.25
N HIS A 421 -10.17 12.11 -9.42
CA HIS A 421 -11.03 13.23 -8.97
C HIS A 421 -10.85 13.41 -7.46
N ALA A 422 -10.85 12.32 -6.68
CA ALA A 422 -10.77 12.41 -5.22
C ALA A 422 -9.44 13.02 -4.81
N ALA A 423 -8.33 12.64 -5.46
CA ALA A 423 -7.01 13.19 -5.11
C ALA A 423 -7.05 14.69 -5.39
N LEU A 424 -7.50 15.08 -6.57
CA LEU A 424 -7.48 16.52 -6.94
C LEU A 424 -8.35 17.30 -5.94
N LYS A 425 -9.52 16.77 -5.60
CA LYS A 425 -10.39 17.46 -4.62
C LYS A 425 -9.62 17.67 -3.30
N SER A 426 -8.92 16.65 -2.82
CA SER A 426 -8.16 16.73 -1.56
C SER A 426 -7.06 17.78 -1.69
N PHE A 427 -6.35 17.80 -2.80
CA PHE A 427 -5.24 18.75 -2.96
C PHE A 427 -5.78 20.19 -3.06
N LYS A 428 -6.93 20.39 -3.72
CA LYS A 428 -7.57 21.72 -3.80
C LYS A 428 -7.91 22.21 -2.39
N GLU A 429 -8.44 21.34 -1.55
CA GLU A 429 -8.76 21.68 -0.14
C GLU A 429 -7.47 22.05 0.61
N PHE A 430 -6.40 21.29 0.38
CA PHE A 430 -5.09 21.63 0.96
C PHE A 430 -4.63 23.00 0.50
N ALA A 431 -4.63 23.27 -0.81
CA ALA A 431 -4.13 24.54 -1.35
C ALA A 431 -4.93 25.72 -0.76
N ALA A 432 -6.19 25.46 -0.50
CA ALA A 432 -7.14 26.48 0.02
C ALA A 432 -6.93 26.72 1.54
N GLY A 433 -6.08 25.96 2.22
CA GLY A 433 -5.87 26.06 3.68
C GLY A 433 -6.98 25.41 4.48
N LYS A 434 -7.70 24.44 3.95
CA LYS A 434 -8.85 23.81 4.65
C LYS A 434 -8.43 22.67 5.56
N ARG A 435 -7.15 22.29 5.56
CA ARG A 435 -6.64 21.35 6.60
C ARG A 435 -5.15 21.61 6.79
C1 EDO B . -3.74 1.48 2.79
O1 EDO B . -3.09 2.46 2.02
C2 EDO B . -5.20 1.66 2.78
O2 EDO B . -5.74 1.58 4.08
P PO4 C . -2.36 -16.99 3.98
O1 PO4 C . -2.37 -15.93 5.07
O2 PO4 C . -1.13 -17.82 3.99
O3 PO4 C . -2.47 -16.36 2.59
O4 PO4 C . -3.56 -17.90 4.19
P PO4 D . -0.81 5.62 -6.25
O1 PO4 D . -0.02 6.62 -5.40
O2 PO4 D . -1.73 6.39 -7.19
O3 PO4 D . 0.16 4.75 -7.07
O4 PO4 D . -1.65 4.70 -5.32
C1 MPD E . 4.00 7.75 5.51
C2 MPD E . 3.02 8.02 6.63
O2 MPD E . 1.87 8.63 5.97
CM MPD E . 2.57 6.74 7.28
C3 MPD E . 3.62 8.98 7.67
C4 MPD E . 2.80 10.04 8.36
O4 MPD E . 1.38 9.98 8.26
C5 MPD E . 3.33 10.49 9.67
N1 UQY F . 20.40 2.24 -3.06
C4 UQY F . 24.49 1.67 -2.91
C5 UQY F . 23.92 2.56 -1.81
C6 UQY F . 21.67 2.71 -2.83
N UQY F . 21.74 2.34 -0.38
C UQY F . 22.03 3.45 0.53
O UQY F . 22.10 3.62 -3.52
C1 UQY F . 22.47 2.06 -1.68
C2 UQY F . 22.62 0.54 -1.88
C3 UQY F . 24.06 0.30 -2.40
#